data_1H5B
#
_entry.id   1H5B
#
_cell.length_a   83.531
_cell.length_b   83.531
_cell.length_c   132.463
_cell.angle_alpha   90.00
_cell.angle_beta   90.00
_cell.angle_gamma   120.00
#
_symmetry.space_group_name_H-M   'P 32 2 1'
#
loop_
_entity.id
_entity.type
_entity.pdbx_description
1 polymer 'MURINE T CELL RECEPTOR (TCR) VALPHA DOMAIN'
2 polymer 'MURINE T CELL RECEPTOR (TCR) VALPHA DOMAIN'
3 polymer 'MURINE T CELL RECEPTOR (TCR) VALPHA DOMAIN'
4 non-polymer 'CHLORIDE ION'
5 non-polymer GLYCEROL
6 water water
#
loop_
_entity_poly.entity_id
_entity_poly.type
_entity_poly.pdbx_seq_one_letter_code
_entity_poly.pdbx_strand_id
1 'polypeptide(L)'
;GDQVEQSPSALSLHEGTDSALRCNFTTTMRSVQWFRQNSRGSLISLFYLASGTKENGRLKSAFDSERARYSTLHIRDAQL
EDSGTYFCAAEASSGSWQLIFGSGTQLTVMPVT
;
A
2 'polypeptide(L)'
;GDQVEQSPSALSLHEGTDSALRCNFTTTMRSVQWFRQNSRGSLISLFYLASGTKENGRLKSAFDSKERRYSTLHIRDAQL
EDSGTYFCAAEASSGAWQLIFGSGTQLTVMPVT
;
B,D
3 'polypeptide(L)'
;GDQVEQSPSALSLHEGTDSALRCNFTTTMRSVQWFRQNSRGSLISLFYLASGTKENGRLKSAFDSKERRYSTLHIRDAQL
EDSGTYFCAAEASSGSWQLIFGSGTQLTVMPVT
;
C
#
# COMPACT_ATOMS: atom_id res chain seq x y z
N GLY A 1 17.74 9.25 -10.27
CA GLY A 1 18.47 7.97 -10.08
C GLY A 1 19.60 8.09 -9.07
N ASP A 2 19.25 7.91 -7.80
CA ASP A 2 20.22 8.00 -6.70
C ASP A 2 21.41 7.06 -6.92
N GLN A 3 21.72 6.26 -5.91
CA GLN A 3 22.85 5.34 -6.03
C GLN A 3 22.34 3.90 -6.00
N VAL A 4 21.20 3.69 -5.36
CA VAL A 4 20.61 2.36 -5.25
C VAL A 4 19.11 2.43 -5.52
N GLU A 5 18.68 1.73 -6.57
CA GLU A 5 17.27 1.69 -6.92
C GLU A 5 16.81 0.26 -7.10
N GLN A 6 15.74 -0.12 -6.40
CA GLN A 6 15.19 -1.46 -6.50
C GLN A 6 14.13 -1.54 -7.57
N SER A 7 13.97 -2.74 -8.11
CA SER A 7 12.96 -3.01 -9.12
C SER A 7 12.61 -4.48 -8.96
N PRO A 8 11.32 -4.82 -9.07
CA PRO A 8 10.21 -3.89 -9.33
C PRO A 8 9.81 -3.18 -8.04
N SER A 9 8.86 -2.25 -8.13
CA SER A 9 8.40 -1.54 -6.94
C SER A 9 7.40 -2.42 -6.21
N ALA A 10 6.70 -3.26 -6.98
CA ALA A 10 5.72 -4.17 -6.41
C ALA A 10 5.45 -5.27 -7.40
N LEU A 11 5.00 -6.41 -6.89
CA LEU A 11 4.67 -7.53 -7.74
C LEU A 11 3.81 -8.53 -7.00
N SER A 12 2.94 -9.19 -7.76
CA SER A 12 2.06 -10.21 -7.23
C SER A 12 2.33 -11.46 -8.03
N LEU A 13 2.50 -12.58 -7.35
CA LEU A 13 2.73 -13.83 -8.05
C LEU A 13 1.97 -14.95 -7.37
N HIS A 14 1.67 -15.98 -8.14
CA HIS A 14 0.95 -17.13 -7.62
C HIS A 14 1.86 -18.04 -6.82
N GLU A 15 1.30 -18.61 -5.76
CA GLU A 15 2.02 -19.54 -4.90
C GLU A 15 2.69 -20.57 -5.81
N GLY A 16 3.93 -20.94 -5.48
CA GLY A 16 4.62 -21.93 -6.29
C GLY A 16 5.45 -21.42 -7.45
N THR A 17 5.26 -20.16 -7.85
CA THR A 17 6.04 -19.63 -8.96
C THR A 17 7.35 -19.00 -8.50
N ASP A 18 8.18 -18.63 -9.46
CA ASP A 18 9.48 -18.02 -9.16
C ASP A 18 9.56 -16.62 -9.73
N SER A 19 10.35 -15.77 -9.08
CA SER A 19 10.53 -14.41 -9.54
C SER A 19 11.81 -13.89 -8.94
N ALA A 20 12.22 -12.71 -9.39
CA ALA A 20 13.45 -12.14 -8.88
C ALA A 20 13.36 -10.64 -8.66
N LEU A 21 14.05 -10.18 -7.63
N LEU A 21 14.04 -10.16 -7.62
CA LEU A 21 14.09 -8.76 -7.30
CA LEU A 21 14.06 -8.74 -7.32
C LEU A 21 15.47 -8.25 -7.67
C LEU A 21 15.45 -8.26 -7.69
N ARG A 22 15.55 -7.00 -8.10
CA ARG A 22 16.84 -6.44 -8.50
C ARG A 22 17.23 -5.21 -7.71
N CYS A 23 18.53 -5.10 -7.43
CA CYS A 23 19.09 -3.98 -6.70
C CYS A 23 20.14 -3.39 -7.66
N ASN A 24 19.81 -2.26 -8.25
CA ASN A 24 20.71 -1.61 -9.20
C ASN A 24 21.53 -0.49 -8.57
N PHE A 25 22.83 -0.48 -8.85
CA PHE A 25 23.73 0.53 -8.32
C PHE A 25 24.25 1.41 -9.46
N THR A 26 24.34 2.70 -9.23
CA THR A 26 24.83 3.64 -10.23
C THR A 26 26.35 3.62 -10.22
N THR A 27 26.92 2.68 -9.49
CA THR A 27 28.37 2.53 -9.39
C THR A 27 28.74 1.25 -8.66
N THR A 28 30.01 0.88 -8.72
CA THR A 28 30.50 -0.32 -8.08
C THR A 28 30.26 -0.27 -6.58
N MET A 29 29.87 -1.40 -6.00
CA MET A 29 29.61 -1.49 -4.56
C MET A 29 30.44 -2.64 -3.98
N ARG A 30 30.87 -2.46 -2.73
N ARG A 30 30.89 -2.47 -2.73
CA ARG A 30 31.69 -3.44 -2.03
CA ARG A 30 31.70 -3.49 -2.09
C ARG A 30 30.88 -4.67 -1.64
C ARG A 30 30.86 -4.70 -1.66
N SER A 31 29.70 -4.45 -1.08
CA SER A 31 28.83 -5.52 -0.64
C SER A 31 27.36 -5.15 -0.76
N VAL A 32 26.50 -6.15 -0.62
CA VAL A 32 25.06 -5.94 -0.69
C VAL A 32 24.38 -6.76 0.38
N GLN A 33 23.29 -6.23 0.91
N GLN A 33 23.28 -6.23 0.90
CA GLN A 33 22.53 -6.96 1.91
CA GLN A 33 22.53 -6.93 1.93
C GLN A 33 21.06 -6.91 1.50
C GLN A 33 21.05 -6.90 1.52
N TRP A 34 20.36 -8.02 1.69
CA TRP A 34 18.95 -8.09 1.35
C TRP A 34 18.18 -8.29 2.65
N PHE A 35 17.03 -7.63 2.76
CA PHE A 35 16.21 -7.74 3.97
C PHE A 35 14.76 -7.91 3.62
N ARG A 36 13.99 -8.46 4.57
CA ARG A 36 12.55 -8.57 4.42
C ARG A 36 12.03 -7.90 5.70
N GLN A 37 11.14 -6.93 5.54
CA GLN A 37 10.59 -6.22 6.70
C GLN A 37 9.54 -7.12 7.39
N ASN A 38 9.59 -7.20 8.72
CA ASN A 38 8.60 -8.03 9.43
C ASN A 38 7.40 -7.17 9.78
N SER A 39 6.38 -7.77 10.40
CA SER A 39 5.18 -7.02 10.74
C SER A 39 5.41 -5.84 11.68
N ARG A 40 6.48 -5.90 12.47
N ARG A 40 6.49 -5.92 12.45
CA ARG A 40 6.80 -4.82 13.41
CA ARG A 40 6.86 -4.91 13.42
C ARG A 40 7.41 -3.65 12.66
C ARG A 40 7.64 -3.76 12.77
N GLY A 41 7.95 -3.93 11.49
CA GLY A 41 8.63 -2.88 10.74
C GLY A 41 10.15 -3.02 10.67
N SER A 42 10.70 -4.02 11.34
CA SER A 42 12.15 -4.22 11.33
C SER A 42 12.60 -4.83 9.99
N LEU A 43 13.78 -4.43 9.51
N LEU A 43 13.78 -4.45 9.53
CA LEU A 43 14.31 -5.01 8.26
CA LEU A 43 14.33 -5.01 8.28
C LEU A 43 15.19 -6.18 8.69
C LEU A 43 15.21 -6.18 8.71
N ILE A 44 14.70 -7.39 8.51
CA ILE A 44 15.43 -8.57 8.89
C ILE A 44 16.36 -9.02 7.78
N SER A 45 17.64 -9.13 8.11
CA SER A 45 18.65 -9.53 7.13
C SER A 45 18.47 -10.97 6.63
N LEU A 46 18.48 -11.14 5.31
CA LEU A 46 18.33 -12.44 4.67
C LEU A 46 19.68 -12.92 4.14
N PHE A 47 20.44 -11.99 3.55
CA PHE A 47 21.76 -12.29 3.00
C PHE A 47 22.68 -11.09 3.05
N TYR A 48 23.96 -11.38 3.23
CA TYR A 48 25.01 -10.38 3.20
C TYR A 48 25.92 -10.95 2.10
N LEU A 49 26.19 -10.17 1.05
CA LEU A 49 27.03 -10.66 -0.04
C LEU A 49 28.11 -9.69 -0.48
N ALA A 50 29.35 -10.19 -0.54
CA ALA A 50 30.48 -9.38 -0.98
C ALA A 50 30.79 -9.79 -2.42
N SER A 51 30.32 -10.97 -2.80
CA SER A 51 30.52 -11.50 -4.14
C SER A 51 29.94 -12.91 -4.23
N GLY A 52 29.87 -13.43 -5.46
CA GLY A 52 29.36 -14.76 -5.66
C GLY A 52 27.86 -14.93 -5.51
N THR A 53 27.46 -16.07 -4.92
N THR A 53 27.46 -16.07 -4.94
CA THR A 53 26.06 -16.35 -4.71
CA THR A 53 26.05 -16.38 -4.74
C THR A 53 25.86 -17.03 -3.37
C THR A 53 25.84 -17.09 -3.41
N LYS A 54 24.64 -16.93 -2.85
CA LYS A 54 24.29 -17.56 -1.59
C LYS A 54 22.88 -18.08 -1.70
N GLU A 55 22.64 -19.25 -1.13
CA GLU A 55 21.34 -19.87 -1.18
C GLU A 55 20.96 -20.33 0.22
N ASN A 56 19.69 -20.12 0.57
CA ASN A 56 19.18 -20.53 1.86
C ASN A 56 17.71 -20.87 1.67
N GLY A 57 17.40 -22.16 1.60
CA GLY A 57 16.03 -22.56 1.40
C GLY A 57 15.60 -22.20 -0.01
N ARG A 58 14.44 -21.56 -0.12
CA ARG A 58 13.90 -21.17 -1.42
C ARG A 58 14.44 -19.82 -1.89
N LEU A 59 15.31 -19.21 -1.09
CA LEU A 59 15.87 -17.92 -1.46
C LEU A 59 17.30 -18.05 -1.95
N LYS A 60 17.64 -17.31 -2.99
CA LYS A 60 18.97 -17.33 -3.55
C LYS A 60 19.35 -15.92 -3.99
N SER A 61 20.47 -15.43 -3.50
N SER A 61 20.47 -15.43 -3.52
CA SER A 61 20.96 -14.10 -3.83
CA SER A 61 20.93 -14.10 -3.88
C SER A 61 22.26 -14.20 -4.63
C SER A 61 22.23 -14.23 -4.65
N ALA A 62 22.47 -13.26 -5.53
CA ALA A 62 23.68 -13.26 -6.34
C ALA A 62 24.22 -11.86 -6.50
N PHE A 63 25.53 -11.72 -6.35
CA PHE A 63 26.18 -10.42 -6.51
C PHE A 63 27.12 -10.55 -7.69
N ASP A 64 27.33 -11.79 -8.13
CA ASP A 64 28.18 -12.05 -9.28
C ASP A 64 27.52 -11.28 -10.42
N SER A 65 28.33 -10.58 -11.22
CA SER A 65 27.78 -9.82 -12.33
C SER A 65 28.84 -9.03 -13.09
N GLU A 66 28.51 -7.78 -13.40
CA GLU A 66 29.40 -6.89 -14.13
C GLU A 66 30.44 -6.28 -13.20
N ARG A 67 30.82 -7.04 -12.17
CA ARG A 67 31.81 -6.59 -11.20
C ARG A 67 31.24 -5.60 -10.20
N ALA A 68 30.03 -5.88 -9.72
CA ALA A 68 29.31 -5.06 -8.74
C ALA A 68 28.47 -3.94 -9.33
N ARG A 69 27.60 -4.28 -10.29
CA ARG A 69 26.71 -3.29 -10.90
C ARG A 69 25.28 -3.51 -10.37
N TYR A 70 24.98 -4.74 -10.00
CA TYR A 70 23.66 -5.06 -9.47
C TYR A 70 23.64 -6.39 -8.75
N SER A 71 22.62 -6.60 -7.95
CA SER A 71 22.47 -7.85 -7.21
C SER A 71 21.04 -8.31 -7.42
N THR A 72 20.82 -9.61 -7.29
CA THR A 72 19.49 -10.14 -7.46
C THR A 72 19.13 -11.08 -6.31
N LEU A 73 17.84 -11.12 -5.99
CA LEU A 73 17.32 -11.98 -4.95
C LEU A 73 16.26 -12.81 -5.66
N HIS A 74 16.50 -14.11 -5.76
N HIS A 74 16.51 -14.11 -5.74
CA HIS A 74 15.55 -14.99 -6.44
CA HIS A 74 15.61 -15.05 -6.39
C HIS A 74 14.73 -15.78 -5.42
C HIS A 74 14.73 -15.77 -5.38
N ILE A 75 13.43 -15.79 -5.63
CA ILE A 75 12.50 -16.49 -4.75
C ILE A 75 11.84 -17.57 -5.59
N ARG A 76 12.08 -18.82 -5.25
N ARG A 76 12.08 -18.82 -5.25
CA ARG A 76 11.47 -19.92 -5.99
CA ARG A 76 11.48 -19.93 -6.00
C ARG A 76 10.38 -20.61 -5.18
C ARG A 76 10.41 -20.65 -5.17
N ASP A 77 9.44 -21.21 -5.88
CA ASP A 77 8.34 -21.92 -5.22
C ASP A 77 7.73 -21.04 -4.14
N ALA A 78 7.43 -19.80 -4.50
CA ALA A 78 6.86 -18.81 -3.59
C ALA A 78 5.76 -19.34 -2.69
N GLN A 79 5.84 -18.99 -1.41
CA GLN A 79 4.85 -19.40 -0.42
C GLN A 79 4.16 -18.17 0.13
N LEU A 80 2.92 -18.32 0.57
CA LEU A 80 2.19 -17.18 1.09
C LEU A 80 2.96 -16.45 2.18
N GLU A 81 3.73 -17.19 2.97
CA GLU A 81 4.51 -16.56 4.03
C GLU A 81 5.62 -15.64 3.49
N ASP A 82 5.93 -15.75 2.21
CA ASP A 82 6.97 -14.89 1.62
C ASP A 82 6.49 -13.46 1.41
N SER A 83 5.18 -13.25 1.37
CA SER A 83 4.66 -11.89 1.17
C SER A 83 5.27 -10.90 2.15
N GLY A 84 5.56 -9.69 1.66
CA GLY A 84 6.13 -8.66 2.50
C GLY A 84 6.92 -7.65 1.69
N THR A 85 7.50 -6.68 2.37
CA THR A 85 8.29 -5.65 1.71
C THR A 85 9.77 -6.03 1.82
N TYR A 86 10.45 -6.08 0.69
CA TYR A 86 11.87 -6.46 0.65
C TYR A 86 12.74 -5.25 0.35
N PHE A 87 13.88 -5.17 1.03
CA PHE A 87 14.80 -4.06 0.82
C PHE A 87 16.21 -4.57 0.55
N CYS A 88 17.01 -3.75 -0.12
N CYS A 88 17.00 -3.73 -0.10
CA CYS A 88 18.40 -4.10 -0.36
CA CYS A 88 18.38 -4.04 -0.40
C CYS A 88 19.19 -2.87 0.05
C CYS A 88 19.21 -2.83 0.01
N ALA A 89 20.44 -3.07 0.44
CA ALA A 89 21.31 -1.98 0.85
C ALA A 89 22.71 -2.35 0.40
N ALA A 90 23.48 -1.34 0.04
CA ALA A 90 24.83 -1.58 -0.43
C ALA A 90 25.84 -0.68 0.28
N GLU A 91 27.06 -1.17 0.40
CA GLU A 91 28.14 -0.42 1.01
C GLU A 91 29.10 0.03 -0.08
N ALA A 92 29.29 1.33 -0.18
CA ALA A 92 30.20 1.89 -1.18
C ALA A 92 31.25 2.70 -0.44
N SER A 93 30.77 3.59 0.44
CA SER A 93 31.65 4.46 1.22
C SER A 93 32.49 3.72 2.26
N SER A 94 32.42 4.17 3.51
CA SER A 94 33.18 3.60 4.61
C SER A 94 32.96 2.10 4.87
N GLY A 95 33.23 1.68 6.10
CA GLY A 95 33.06 0.29 6.47
C GLY A 95 31.72 0.05 7.14
N SER A 96 31.22 -1.18 7.01
CA SER A 96 29.94 -1.56 7.60
C SER A 96 28.99 -0.38 7.70
N TRP A 97 29.03 0.31 8.84
CA TRP A 97 28.20 1.48 9.09
C TRP A 97 28.07 2.34 7.83
N GLN A 98 26.93 3.00 7.69
CA GLN A 98 26.66 3.87 6.55
C GLN A 98 26.33 3.07 5.29
N LEU A 99 25.07 2.67 5.18
CA LEU A 99 24.58 1.90 4.05
C LEU A 99 23.70 2.80 3.20
N ILE A 100 23.49 2.39 1.95
CA ILE A 100 22.63 3.12 1.02
C ILE A 100 21.51 2.13 0.71
N PHE A 101 20.26 2.50 1.01
CA PHE A 101 19.11 1.63 0.80
C PHE A 101 18.26 1.83 -0.44
N GLY A 102 17.66 0.74 -0.92
CA GLY A 102 16.75 0.81 -2.04
C GLY A 102 15.45 1.32 -1.44
N SER A 103 14.46 1.63 -2.27
CA SER A 103 13.20 2.15 -1.75
C SER A 103 12.22 1.09 -1.25
N GLY A 104 12.46 -0.16 -1.62
CA GLY A 104 11.60 -1.24 -1.19
C GLY A 104 10.73 -1.84 -2.29
N THR A 105 10.49 -3.15 -2.20
CA THR A 105 9.67 -3.86 -3.16
C THR A 105 8.57 -4.58 -2.38
N GLN A 106 7.32 -4.34 -2.74
CA GLN A 106 6.21 -5.00 -2.05
C GLN A 106 5.80 -6.26 -2.81
N LEU A 107 6.07 -7.41 -2.21
CA LEU A 107 5.75 -8.69 -2.80
C LEU A 107 4.49 -9.30 -2.21
N THR A 108 3.56 -9.68 -3.08
CA THR A 108 2.32 -10.31 -2.65
C THR A 108 2.23 -11.68 -3.30
N VAL A 109 2.14 -12.72 -2.50
CA VAL A 109 2.01 -14.07 -3.04
C VAL A 109 0.54 -14.45 -2.88
N MET A 110 -0.08 -14.91 -3.97
CA MET A 110 -1.49 -15.26 -3.93
C MET A 110 -1.74 -16.77 -3.89
N PRO A 111 -2.76 -17.20 -3.13
CA PRO A 111 -3.08 -18.62 -3.03
C PRO A 111 -3.62 -19.14 -4.37
N VAL A 112 -3.33 -20.40 -4.69
CA VAL A 112 -3.80 -20.98 -5.94
C VAL A 112 -5.13 -21.71 -5.80
N THR A 113 -5.18 -22.95 -6.29
CA THR A 113 -6.37 -23.78 -6.24
C THR A 113 -7.60 -22.97 -6.66
N GLY B 1 22.75 14.29 -2.66
CA GLY B 1 21.27 14.44 -2.80
C GLY B 1 20.52 13.79 -1.64
N ASP B 2 20.51 14.47 -0.50
CA ASP B 2 19.83 13.96 0.68
C ASP B 2 18.42 14.51 0.84
N GLN B 3 17.48 13.61 1.11
CA GLN B 3 16.09 13.99 1.34
C GLN B 3 15.90 13.77 2.84
N VAL B 4 16.75 12.91 3.38
CA VAL B 4 16.77 12.57 4.79
C VAL B 4 18.23 12.65 5.24
N GLU B 5 18.53 13.60 6.11
CA GLU B 5 19.89 13.80 6.61
C GLU B 5 19.96 13.42 8.09
N GLN B 6 20.85 12.50 8.42
CA GLN B 6 21.01 12.05 9.79
C GLN B 6 22.25 12.64 10.44
N SER B 7 22.16 12.97 11.72
CA SER B 7 23.29 13.53 12.44
C SER B 7 23.22 13.24 13.93
N PRO B 8 24.39 13.09 14.57
CA PRO B 8 25.68 13.19 13.88
C PRO B 8 25.93 11.87 13.12
N SER B 9 27.03 11.81 12.36
CA SER B 9 27.34 10.59 11.63
C SER B 9 28.03 9.63 12.56
N ALA B 10 28.79 10.19 13.49
CA ALA B 10 29.49 9.39 14.49
C ALA B 10 29.57 10.19 15.78
N LEU B 11 29.55 9.49 16.90
CA LEU B 11 29.66 10.15 18.19
C LEU B 11 30.16 9.21 19.28
N SER B 12 30.90 9.78 20.22
CA SER B 12 31.45 9.03 21.33
C SER B 12 30.90 9.66 22.61
N LEU B 13 30.31 8.84 23.46
CA LEU B 13 29.74 9.28 24.72
C LEU B 13 30.33 8.46 25.85
N HIS B 14 30.37 9.05 27.04
CA HIS B 14 30.85 8.35 28.21
C HIS B 14 29.64 7.66 28.80
N GLU B 15 29.83 6.48 29.35
CA GLU B 15 28.74 5.73 29.97
C GLU B 15 28.00 6.64 30.94
N GLY B 16 26.68 6.57 30.95
CA GLY B 16 25.90 7.38 31.86
C GLY B 16 25.41 8.73 31.36
N THR B 17 25.97 9.20 30.25
CA THR B 17 25.56 10.49 29.70
C THR B 17 24.38 10.36 28.74
C THR B 17 24.38 10.36 28.74
N ASP B 18 23.77 11.50 28.41
CA ASP B 18 22.63 11.52 27.51
C ASP B 18 23.00 12.28 26.25
N SER B 19 22.44 11.86 25.11
CA SER B 19 22.70 12.53 23.86
C SER B 19 21.55 12.25 22.91
N ALA B 20 21.48 12.99 21.82
CA ALA B 20 20.39 12.79 20.89
C ALA B 20 20.84 12.68 19.45
N LEU B 21 20.15 11.84 18.70
CA LEU B 21 20.42 11.66 17.30
C LEU B 21 19.32 12.45 16.61
N ARG B 22 19.60 12.95 15.41
CA ARG B 22 18.62 13.74 14.70
C ARG B 22 18.44 13.22 13.28
N CYS B 23 17.23 13.38 12.75
CA CYS B 23 16.88 12.95 11.41
C CYS B 23 16.21 14.16 10.76
N ASN B 24 16.91 14.78 9.81
CA ASN B 24 16.38 15.96 9.12
C ASN B 24 15.78 15.62 7.76
N PHE B 25 14.61 16.18 7.48
CA PHE B 25 13.89 15.94 6.22
C PHE B 25 13.79 17.22 5.37
N THR B 26 14.12 17.10 4.09
CA THR B 26 14.05 18.26 3.19
C THR B 26 12.60 18.68 2.96
N THR B 27 11.68 17.80 3.31
CA THR B 27 10.25 18.06 3.15
C THR B 27 9.45 17.36 4.25
N THR B 28 8.28 17.90 4.56
CA THR B 28 7.42 17.32 5.58
C THR B 28 7.16 15.85 5.28
N MET B 29 7.32 15.00 6.29
CA MET B 29 7.11 13.57 6.14
C MET B 29 5.94 13.13 7.00
N ARG B 30 5.27 12.05 6.60
CA ARG B 30 4.13 11.51 7.32
C ARG B 30 4.53 10.80 8.62
N SER B 31 5.66 10.10 8.58
CA SER B 31 6.13 9.37 9.75
C SER B 31 7.62 9.09 9.69
N VAL B 32 8.20 8.78 10.85
CA VAL B 32 9.60 8.48 10.95
C VAL B 32 9.76 7.17 11.71
N GLN B 33 10.80 6.43 11.37
CA GLN B 33 11.06 5.17 12.05
C GLN B 33 12.53 5.17 12.45
N TRP B 34 12.83 4.70 13.66
CA TRP B 34 14.19 4.64 14.17
C TRP B 34 14.58 3.18 14.38
N PHE B 35 15.78 2.82 13.92
CA PHE B 35 16.26 1.47 14.06
C PHE B 35 17.65 1.37 14.64
N ARG B 36 17.92 0.19 15.19
N ARG B 36 17.95 0.21 15.23
CA ARG B 36 19.21 -0.15 15.78
CA ARG B 36 19.28 -0.06 15.74
C ARG B 36 19.65 -1.42 15.09
C ARG B 36 19.66 -1.38 15.08
N GLN B 37 20.84 -1.43 14.48
CA GLN B 37 21.30 -2.63 13.82
C GLN B 37 21.70 -3.67 14.85
N ASN B 38 21.20 -4.91 14.72
CA ASN B 38 21.60 -5.92 15.71
C ASN B 38 22.89 -6.61 15.24
N SER B 39 23.36 -7.58 15.99
N SER B 39 23.31 -7.62 15.99
CA SER B 39 24.61 -8.25 15.62
CA SER B 39 24.56 -8.36 15.71
C SER B 39 24.63 -8.88 14.23
C SER B 39 24.62 -9.11 14.38
N ARG B 40 23.47 -9.32 13.76
CA ARG B 40 23.37 -9.99 12.45
C ARG B 40 23.20 -8.99 11.31
N GLY B 41 23.10 -7.70 11.62
CA GLY B 41 22.93 -6.71 10.59
C GLY B 41 21.49 -6.29 10.34
N SER B 42 20.54 -6.93 11.00
CA SER B 42 19.14 -6.55 10.82
C SER B 42 18.89 -5.19 11.46
N LEU B 43 17.99 -4.41 10.88
N LEU B 43 17.98 -4.42 10.88
CA LEU B 43 17.66 -3.11 11.43
CA LEU B 43 17.63 -3.11 11.41
C LEU B 43 16.41 -3.35 12.28
C LEU B 43 16.39 -3.33 12.28
N ILE B 44 16.59 -3.40 13.59
CA ILE B 44 15.48 -3.62 14.52
C ILE B 44 14.79 -2.31 14.84
N SER B 45 13.48 -2.26 14.58
CA SER B 45 12.72 -1.05 14.83
C SER B 45 12.65 -0.73 16.31
N LEU B 46 12.97 0.52 16.64
CA LEU B 46 12.94 1.02 18.02
C LEU B 46 11.63 1.79 18.21
N PHE B 47 11.32 2.64 17.24
CA PHE B 47 10.11 3.46 17.27
C PHE B 47 9.58 3.72 15.88
N TYR B 48 8.29 4.01 15.83
CA TYR B 48 7.59 4.38 14.60
C TYR B 48 6.69 5.52 15.10
N LEU B 49 6.84 6.71 14.55
CA LEU B 49 6.03 7.85 14.97
C LEU B 49 5.44 8.63 13.81
N ALA B 50 4.16 8.97 13.92
CA ALA B 50 3.49 9.75 12.90
C ALA B 50 3.47 11.19 13.41
N SER B 51 3.69 11.33 14.71
CA SER B 51 3.73 12.63 15.38
C SER B 51 3.91 12.38 16.88
N GLY B 52 3.92 13.46 17.66
CA GLY B 52 4.06 13.34 19.10
C GLY B 52 5.41 12.79 19.54
N THR B 53 5.41 12.05 20.65
CA THR B 53 6.63 11.48 21.18
C THR B 53 6.36 10.09 21.77
N LYS B 54 7.40 9.27 21.83
CA LYS B 54 7.27 7.93 22.39
C LYS B 54 8.49 7.62 23.25
N GLU B 55 8.31 6.73 24.21
CA GLU B 55 9.38 6.37 25.11
C GLU B 55 9.34 4.90 25.47
N ASN B 56 10.52 4.31 25.70
CA ASN B 56 10.63 2.90 26.07
C ASN B 56 12.02 2.69 26.67
N GLY B 57 12.05 2.36 27.96
CA GLY B 57 13.32 2.17 28.62
C GLY B 57 14.09 3.47 28.65
N ARG B 58 15.36 3.43 28.29
CA ARG B 58 16.19 4.62 28.29
C ARG B 58 16.09 5.43 27.01
N LEU B 59 15.26 4.98 26.07
CA LEU B 59 15.11 5.67 24.81
C LEU B 59 13.82 6.47 24.69
N LYS B 60 13.92 7.60 24.00
CA LYS B 60 12.78 8.47 23.77
C LYS B 60 12.93 9.11 22.39
N SER B 61 11.86 9.08 21.61
N SER B 61 11.84 9.07 21.61
CA SER B 61 11.88 9.67 20.29
CA SER B 61 11.86 9.64 20.27
C SER B 61 10.79 10.73 20.17
C SER B 61 10.78 10.72 20.17
N ALA B 62 11.05 11.74 19.34
CA ALA B 62 10.10 12.81 19.14
C ALA B 62 9.97 13.21 17.69
N PHE B 63 8.73 13.54 17.31
CA PHE B 63 8.39 13.96 15.97
C PHE B 63 7.21 14.90 16.19
N ASP B 64 7.36 15.82 17.14
CA ASP B 64 6.30 16.77 17.48
C ASP B 64 6.49 18.16 16.89
N SER B 65 7.35 18.28 15.87
CA SER B 65 7.57 19.57 15.23
C SER B 65 6.34 19.96 14.44
N LYS B 66 6.07 21.25 14.37
CA LYS B 66 4.90 21.75 13.63
C LYS B 66 4.98 21.31 12.17
N GLU B 67 6.07 21.68 11.50
CA GLU B 67 6.26 21.33 10.11
C GLU B 67 6.72 19.89 9.95
N ARG B 68 7.25 19.32 11.02
CA ARG B 68 7.74 17.94 11.01
C ARG B 68 8.85 17.80 9.98
N ARG B 69 9.84 18.66 10.10
CA ARG B 69 10.99 18.68 9.20
C ARG B 69 12.12 17.83 9.79
N TYR B 70 11.92 17.32 11.00
CA TYR B 70 12.93 16.50 11.64
C TYR B 70 12.37 15.70 12.81
N SER B 71 13.18 14.77 13.29
CA SER B 71 12.84 13.90 14.42
C SER B 71 14.10 13.64 15.23
N THR B 72 13.94 13.40 16.52
CA THR B 72 15.09 13.12 17.37
C THR B 72 14.93 11.80 18.11
N LEU B 73 16.07 11.19 18.43
CA LEU B 73 16.10 9.96 19.20
C LEU B 73 17.03 10.28 20.34
N HIS B 74 16.50 10.29 21.56
N HIS B 74 16.49 10.27 21.55
CA HIS B 74 17.33 10.61 22.71
CA HIS B 74 17.27 10.58 22.75
C HIS B 74 17.70 9.33 23.46
C HIS B 74 17.70 9.30 23.46
N ILE B 75 18.97 9.24 23.85
CA ILE B 75 19.47 8.09 24.56
C ILE B 75 19.92 8.58 25.92
N ARG B 76 19.29 8.07 26.98
CA ARG B 76 19.65 8.49 28.32
C ARG B 76 20.40 7.42 29.09
N ASP B 77 21.28 7.86 29.98
CA ASP B 77 22.06 6.95 30.80
C ASP B 77 22.71 5.89 29.90
N ALA B 78 23.39 6.36 28.87
CA ALA B 78 24.04 5.49 27.90
C ALA B 78 24.85 4.37 28.54
N GLN B 79 24.68 3.17 28.00
CA GLN B 79 25.37 1.97 28.47
C GLN B 79 26.29 1.44 27.39
N LEU B 80 27.33 0.71 27.80
CA LEU B 80 28.30 0.17 26.84
C LEU B 80 27.60 -0.58 25.71
N GLU B 81 26.56 -1.34 26.05
CA GLU B 81 25.85 -2.13 25.06
C GLU B 81 24.98 -1.31 24.10
N ASP B 82 24.95 0.01 24.27
CA ASP B 82 24.17 0.84 23.36
C ASP B 82 25.00 1.17 22.13
N SER B 83 26.30 0.90 22.21
CA SER B 83 27.20 1.16 21.10
C SER B 83 26.71 0.39 19.87
N GLY B 84 26.72 1.05 18.72
CA GLY B 84 26.25 0.38 17.51
C GLY B 84 25.83 1.39 16.46
N THR B 85 25.22 0.89 15.39
CA THR B 85 24.78 1.74 14.31
C THR B 85 23.26 1.94 14.35
N TYR B 86 22.87 3.20 14.27
CA TYR B 86 21.47 3.61 14.31
C TYR B 86 21.04 4.24 13.01
N PHE B 87 19.82 3.95 12.58
CA PHE B 87 19.29 4.49 11.35
C PHE B 87 17.90 5.08 11.55
N CYS B 88 17.56 6.07 10.74
CA CYS B 88 16.22 6.62 10.78
C CYS B 88 15.74 6.51 9.33
N ALA B 89 14.43 6.47 9.15
CA ALA B 89 13.85 6.38 7.81
C ALA B 89 12.53 7.14 7.86
N ALA B 90 12.17 7.74 6.74
CA ALA B 90 10.94 8.51 6.67
C ALA B 90 10.00 7.96 5.62
N GLU B 91 8.71 8.13 5.88
CA GLU B 91 7.65 7.70 4.99
C GLU B 91 6.99 8.98 4.51
N ALA B 92 6.98 9.18 3.19
CA ALA B 92 6.39 10.37 2.62
C ALA B 92 4.87 10.28 2.64
N SER B 93 4.35 9.12 2.24
CA SER B 93 2.91 8.89 2.21
C SER B 93 2.35 8.47 3.58
N SER B 94 1.02 8.41 3.66
CA SER B 94 0.35 8.04 4.89
C SER B 94 0.19 6.53 5.04
N GLY B 95 0.47 5.80 3.96
CA GLY B 95 0.36 4.36 4.01
C GLY B 95 1.23 3.65 2.99
N ALA B 96 2.34 4.27 2.61
CA ALA B 96 3.27 3.70 1.64
C ALA B 96 4.20 2.69 2.30
N TRP B 97 4.64 1.71 1.54
CA TRP B 97 5.56 0.69 2.05
C TRP B 97 6.99 1.14 1.78
N GLN B 98 7.14 2.18 0.99
CA GLN B 98 8.44 2.71 0.64
C GLN B 98 9.00 3.61 1.72
N LEU B 99 10.27 3.42 2.03
CA LEU B 99 10.94 4.21 3.05
C LEU B 99 12.17 4.91 2.48
N ILE B 100 12.49 6.07 3.04
N ILE B 100 12.49 6.07 3.05
CA ILE B 100 13.68 6.81 2.63
CA ILE B 100 13.66 6.83 2.65
C ILE B 100 14.59 6.81 3.85
C ILE B 100 14.59 6.80 3.87
N PHE B 101 15.76 6.20 3.73
CA PHE B 101 16.71 6.09 4.85
C PHE B 101 17.79 7.13 5.02
N GLY B 102 18.20 7.31 6.27
CA GLY B 102 19.28 8.21 6.60
C GLY B 102 20.54 7.39 6.38
N SER B 103 21.71 8.03 6.46
CA SER B 103 22.97 7.32 6.23
C SER B 103 23.48 6.52 7.43
N GLY B 104 22.87 6.72 8.59
CA GLY B 104 23.28 5.99 9.77
C GLY B 104 24.17 6.77 10.70
N THR B 105 24.18 6.35 11.95
CA THR B 105 24.99 6.98 12.99
C THR B 105 25.75 5.91 13.76
N GLN B 106 27.06 6.09 13.87
N GLN B 106 27.06 6.08 13.88
CA GLN B 106 27.87 5.14 14.63
CA GLN B 106 27.87 5.12 14.60
C GLN B 106 28.00 5.73 16.03
C GLN B 106 28.12 5.63 16.03
N LEU B 107 27.47 5.00 17.00
N LEU B 107 27.53 4.98 17.02
CA LEU B 107 27.59 5.40 18.40
CA LEU B 107 27.57 5.43 18.40
C LEU B 107 28.58 4.54 19.16
C LEU B 107 28.53 4.56 19.22
N THR B 108 29.50 5.19 19.86
CA THR B 108 30.48 4.48 20.67
C THR B 108 30.38 4.98 22.10
N VAL B 109 30.05 4.09 23.02
CA VAL B 109 29.93 4.45 24.44
C VAL B 109 31.19 3.95 25.14
N MET B 110 31.85 4.82 25.88
CA MET B 110 33.08 4.45 26.57
C MET B 110 32.90 4.31 28.09
N PRO B 111 33.58 3.34 28.69
CA PRO B 111 33.52 3.06 30.13
C PRO B 111 33.86 4.30 30.95
N VAL B 112 34.83 5.00 30.57
N GLY C 1 -11.65 18.76 -5.56
CA GLY C 1 -12.93 18.80 -4.79
C GLY C 1 -13.20 17.52 -4.04
N ASP C 2 -12.75 16.40 -4.59
CA ASP C 2 -12.95 15.10 -3.96
C ASP C 2 -12.11 14.02 -4.64
N GLN C 3 -10.84 14.34 -4.93
CA GLN C 3 -9.94 13.39 -5.56
C GLN C 3 -10.35 13.05 -6.99
N VAL C 4 -11.43 12.30 -7.12
CA VAL C 4 -11.92 11.89 -8.43
C VAL C 4 -13.27 12.53 -8.76
N GLU C 5 -13.35 13.20 -9.90
CA GLU C 5 -14.57 13.87 -10.34
C GLU C 5 -15.05 13.29 -11.66
N GLN C 6 -16.18 12.58 -11.60
N GLN C 6 -16.18 12.58 -11.60
CA GLN C 6 -16.74 11.98 -12.80
CA GLN C 6 -16.76 11.96 -12.79
C GLN C 6 -17.81 12.85 -13.44
C GLN C 6 -17.80 12.87 -13.44
N SER C 7 -17.90 12.79 -14.76
CA SER C 7 -18.88 13.57 -15.49
C SER C 7 -19.26 12.90 -16.81
N PRO C 8 -20.54 13.00 -17.19
CA PRO C 8 -21.60 13.70 -16.45
C PRO C 8 -22.12 12.78 -15.34
N SER C 9 -23.13 13.22 -14.59
CA SER C 9 -23.70 12.39 -13.51
C SER C 9 -24.74 11.46 -14.09
N ALA C 10 -25.41 11.92 -15.14
CA ALA C 10 -26.42 11.12 -15.79
C ALA C 10 -26.65 11.64 -17.19
N LEU C 11 -27.04 10.75 -18.09
N LEU C 11 -27.08 10.75 -18.08
CA LEU C 11 -27.35 11.14 -19.46
CA LEU C 11 -27.35 11.15 -19.45
C LEU C 11 -28.22 10.10 -20.11
C LEU C 11 -28.23 10.10 -20.10
N SER C 12 -29.10 10.55 -20.99
CA SER C 12 -30.01 9.68 -21.70
C SER C 12 -29.71 9.96 -23.16
N LEU C 13 -29.59 8.91 -23.96
CA LEU C 13 -29.31 9.08 -25.38
C LEU C 13 -29.95 7.97 -26.15
N HIS C 14 -30.15 8.18 -27.45
CA HIS C 14 -30.77 7.15 -28.27
C HIS C 14 -29.80 6.12 -28.77
N GLU C 15 -30.35 4.96 -29.07
CA GLU C 15 -29.63 3.82 -29.60
C GLU C 15 -28.85 4.34 -30.81
N GLY C 16 -27.60 3.91 -30.96
CA GLY C 16 -26.80 4.34 -32.10
C GLY C 16 -25.98 5.60 -31.91
N THR C 17 -26.21 6.31 -30.81
CA THR C 17 -25.48 7.54 -30.53
C THR C 17 -24.12 7.25 -29.87
N ASP C 18 -23.15 8.11 -30.11
CA ASP C 18 -21.84 7.94 -29.49
C ASP C 18 -21.77 8.93 -28.34
N SER C 19 -21.10 8.55 -27.26
CA SER C 19 -20.97 9.44 -26.13
C SER C 19 -19.67 9.20 -25.39
N ALA C 20 -19.32 10.13 -24.53
CA ALA C 20 -18.07 10.05 -23.78
C ALA C 20 -18.24 10.39 -22.30
N LEU C 21 -17.71 9.53 -21.45
CA LEU C 21 -17.74 9.75 -20.02
C LEU C 21 -16.32 10.16 -19.63
N ARG C 22 -16.19 11.05 -18.66
CA ARG C 22 -14.87 11.49 -18.22
C ARG C 22 -14.66 11.36 -16.73
N CYS C 23 -13.40 11.11 -16.36
CA CYS C 23 -12.99 10.95 -14.98
C CYS C 23 -11.79 11.88 -14.80
N ASN C 24 -11.94 12.91 -13.97
CA ASN C 24 -10.88 13.87 -13.74
C ASN C 24 -10.27 13.68 -12.35
N PHE C 25 -8.94 13.71 -12.29
CA PHE C 25 -8.22 13.54 -11.02
C PHE C 25 -7.57 14.84 -10.60
N THR C 26 -7.63 15.15 -9.31
CA THR C 26 -7.06 16.39 -8.81
C THR C 26 -5.54 16.30 -8.78
N THR C 27 -5.03 15.07 -8.68
CA THR C 27 -3.59 14.82 -8.66
C THR C 27 -3.26 13.70 -9.64
N THR C 28 -1.98 13.56 -9.95
CA THR C 28 -1.53 12.50 -10.85
C THR C 28 -1.93 11.17 -10.22
N MET C 29 -2.38 10.23 -11.05
CA MET C 29 -2.79 8.92 -10.56
C MET C 29 -2.00 7.81 -11.25
N ARG C 30 -1.83 6.70 -10.55
CA ARG C 30 -1.09 5.55 -11.05
C ARG C 30 -1.83 4.80 -12.17
N SER C 31 -3.14 4.68 -12.01
CA SER C 31 -3.95 3.97 -12.99
C SER C 31 -5.43 4.28 -12.78
N VAL C 32 -6.25 3.82 -13.71
CA VAL C 32 -7.69 4.04 -13.65
C VAL C 32 -8.37 2.73 -14.00
N GLN C 33 -9.55 2.51 -13.42
CA GLN C 33 -10.30 1.31 -13.73
C GLN C 33 -11.75 1.75 -13.93
N TRP C 34 -12.38 1.24 -14.98
CA TRP C 34 -13.77 1.58 -15.27
C TRP C 34 -14.65 0.37 -15.01
N PHE C 35 -15.78 0.61 -14.34
CA PHE C 35 -16.72 -0.46 -14.01
C PHE C 35 -18.13 -0.09 -14.42
N ARG C 36 -18.97 -1.12 -14.52
CA ARG C 36 -20.38 -0.91 -14.83
C ARG C 36 -21.19 -1.76 -13.87
N GLN C 37 -22.18 -1.15 -13.21
CA GLN C 37 -23.06 -1.86 -12.29
C GLN C 37 -24.46 -1.81 -12.87
N ASN C 38 -25.14 -2.95 -12.86
CA ASN C 38 -26.52 -3.02 -13.32
C ASN C 38 -27.30 -3.47 -12.11
N SER C 39 -28.38 -2.75 -11.81
CA SER C 39 -29.21 -3.00 -10.64
C SER C 39 -28.31 -2.78 -9.44
N ARG C 40 -28.45 -3.61 -8.42
CA ARG C 40 -27.59 -3.49 -7.25
C ARG C 40 -26.63 -4.66 -7.32
N GLY C 41 -26.17 -4.98 -8.53
CA GLY C 41 -25.26 -6.09 -8.72
C GLY C 41 -23.79 -5.72 -8.50
N SER C 42 -22.90 -6.54 -9.01
CA SER C 42 -21.47 -6.28 -8.87
C SER C 42 -21.02 -5.13 -9.77
N LEU C 43 -19.87 -4.55 -9.45
N LEU C 43 -19.86 -4.57 -9.46
CA LEU C 43 -19.31 -3.50 -10.30
CA LEU C 43 -19.29 -3.50 -10.27
C LEU C 43 -18.38 -4.29 -11.21
C LEU C 43 -18.36 -4.26 -11.22
N ILE C 44 -18.86 -4.58 -12.41
CA ILE C 44 -18.08 -5.34 -13.38
C ILE C 44 -16.99 -4.50 -14.03
N SER C 45 -15.75 -5.00 -13.95
CA SER C 45 -14.64 -4.27 -14.52
C SER C 45 -14.72 -4.25 -16.05
N LEU C 46 -14.64 -3.07 -16.63
CA LEU C 46 -14.67 -2.93 -18.08
C LEU C 46 -13.24 -2.78 -18.60
N PHE C 47 -12.45 -1.96 -17.91
CA PHE C 47 -11.05 -1.73 -18.28
C PHE C 47 -10.18 -1.34 -17.09
N TYR C 48 -8.91 -1.72 -17.17
CA TYR C 48 -7.91 -1.32 -16.20
C TYR C 48 -6.81 -0.77 -17.12
N LEU C 49 -6.43 0.49 -16.92
N LEU C 49 -6.42 0.49 -16.93
CA LEU C 49 -5.40 1.13 -17.73
CA LEU C 49 -5.38 1.10 -17.74
C LEU C 49 -4.38 1.86 -16.88
C LEU C 49 -4.38 1.90 -16.92
N ALA C 50 -3.10 1.73 -17.25
CA ALA C 50 -2.02 2.43 -16.56
C ALA C 50 -1.42 3.38 -17.59
N SER C 51 -1.78 3.16 -18.86
CA SER C 51 -1.28 3.98 -19.95
C SER C 51 -2.03 3.71 -21.26
N GLY C 52 -1.89 4.64 -22.20
CA GLY C 52 -2.50 4.48 -23.50
C GLY C 52 -4.01 4.34 -23.68
N THR C 53 -4.36 3.48 -24.64
CA THR C 53 -5.75 3.23 -25.02
C THR C 53 -6.07 1.75 -25.09
N LYS C 54 -7.28 1.40 -24.70
CA LYS C 54 -7.75 0.01 -24.77
C LYS C 54 -9.16 0.01 -25.31
N GLU C 55 -9.46 -0.91 -26.22
CA GLU C 55 -10.83 -0.98 -26.70
C GLU C 55 -11.33 -2.40 -26.85
N ASN C 56 -12.56 -2.61 -26.37
CA ASN C 56 -13.21 -3.91 -26.44
C ASN C 56 -14.58 -3.68 -27.03
N GLY C 57 -14.75 -4.09 -28.28
CA GLY C 57 -16.02 -3.90 -28.94
C GLY C 57 -16.31 -2.42 -29.12
N ARG C 58 -17.50 -1.98 -28.73
N ARG C 58 -17.49 -2.01 -28.70
CA ARG C 58 -17.87 -0.57 -28.88
CA ARG C 58 -17.95 -0.63 -28.82
C ARG C 58 -17.35 0.34 -27.77
C ARG C 58 -17.43 0.31 -27.74
N LEU C 59 -16.72 -0.23 -26.75
CA LEU C 59 -16.19 0.57 -25.66
C LEU C 59 -14.69 0.85 -25.81
N LYS C 60 -14.30 2.09 -25.52
CA LYS C 60 -12.89 2.47 -25.60
C LYS C 60 -12.52 3.40 -24.45
N SER C 61 -11.42 3.09 -23.78
N SER C 61 -11.42 3.09 -23.78
CA SER C 61 -10.98 3.92 -22.67
CA SER C 61 -10.96 3.90 -22.66
C SER C 61 -9.54 4.37 -22.91
C SER C 61 -9.53 4.37 -22.91
N ALA C 62 -9.20 5.55 -22.42
CA ALA C 62 -7.86 6.09 -22.60
C ALA C 62 -7.39 6.75 -21.32
N PHE C 63 -6.06 6.74 -21.14
CA PHE C 63 -5.42 7.33 -19.97
C PHE C 63 -4.05 7.83 -20.38
N ASP C 64 -3.95 9.13 -20.69
CA ASP C 64 -2.69 9.76 -21.08
C ASP C 64 -1.59 9.45 -20.06
N SER C 65 -0.60 8.67 -20.49
CA SER C 65 0.51 8.27 -19.62
C SER C 65 1.41 9.42 -19.21
N LYS C 66 1.33 10.55 -19.93
CA LYS C 66 2.15 11.71 -19.61
C LYS C 66 1.54 12.60 -18.54
N GLU C 67 0.37 13.16 -18.81
CA GLU C 67 -0.31 14.04 -17.87
C GLU C 67 -0.88 13.29 -16.67
N ARG C 68 -1.62 12.22 -16.93
CA ARG C 68 -2.21 11.39 -15.87
C ARG C 68 -3.20 12.15 -15.00
N ARG C 69 -3.96 13.07 -15.59
CA ARG C 69 -4.93 13.84 -14.82
C ARG C 69 -6.39 13.53 -15.15
N TYR C 70 -6.60 12.65 -16.11
CA TYR C 70 -7.96 12.27 -16.47
C TYR C 70 -7.99 11.01 -17.31
N SER C 71 -9.18 10.44 -17.44
CA SER C 71 -9.40 9.25 -18.24
C SER C 71 -10.76 9.41 -18.87
N THR C 72 -10.93 8.86 -20.07
CA THR C 72 -12.19 8.95 -20.76
C THR C 72 -12.66 7.57 -21.13
N LEU C 73 -13.97 7.39 -21.17
CA LEU C 73 -14.56 6.13 -21.57
C LEU C 73 -15.52 6.52 -22.67
N HIS C 74 -15.28 5.98 -23.86
CA HIS C 74 -16.12 6.27 -25.01
C HIS C 74 -17.02 5.10 -25.33
N ILE C 75 -18.29 5.41 -25.59
CA ILE C 75 -19.25 4.40 -25.96
C ILE C 75 -19.68 4.73 -27.38
N ARG C 76 -19.36 3.85 -28.32
CA ARG C 76 -19.76 4.09 -29.70
C ARG C 76 -21.02 3.29 -30.03
N ASP C 77 -21.85 3.84 -30.92
CA ASP C 77 -23.05 3.15 -31.37
C ASP C 77 -23.82 2.51 -30.20
N ALA C 78 -24.19 3.35 -29.23
CA ALA C 78 -24.89 2.90 -28.02
C ALA C 78 -26.01 1.91 -28.28
N GLN C 79 -25.99 0.80 -27.53
CA GLN C 79 -27.02 -0.24 -27.63
C GLN C 79 -27.82 -0.27 -26.33
N LEU C 80 -29.03 -0.81 -26.39
CA LEU C 80 -29.89 -0.87 -25.20
C LEU C 80 -29.22 -1.53 -24.00
N GLU C 81 -28.41 -2.55 -24.26
CA GLU C 81 -27.71 -3.26 -23.21
C GLU C 81 -26.56 -2.48 -22.56
N ASP C 82 -26.31 -1.25 -23.02
CA ASP C 82 -25.25 -0.43 -22.44
C ASP C 82 -25.77 0.36 -21.24
N SER C 83 -27.09 0.39 -21.06
CA SER C 83 -27.65 1.11 -19.94
C SER C 83 -27.10 0.56 -18.62
N GLY C 84 -26.82 1.46 -17.68
CA GLY C 84 -26.31 1.05 -16.39
C GLY C 84 -25.58 2.18 -15.71
N THR C 85 -24.95 1.91 -14.57
CA THR C 85 -24.21 2.91 -13.86
C THR C 85 -22.71 2.67 -14.06
N TYR C 86 -22.02 3.66 -14.62
CA TYR C 86 -20.59 3.54 -14.88
C TYR C 86 -19.78 4.25 -13.81
N PHE C 87 -18.83 3.54 -13.23
CA PHE C 87 -17.96 4.10 -12.21
C PHE C 87 -16.50 4.04 -12.64
N CYS C 88 -15.75 5.07 -12.30
N CYS C 88 -15.76 5.07 -12.26
CA CYS C 88 -14.32 5.06 -12.58
CA CYS C 88 -14.34 5.16 -12.54
C CYS C 88 -13.69 5.11 -11.20
C CYS C 88 -13.64 5.21 -11.18
N ALA C 89 -12.51 4.54 -11.07
CA ALA C 89 -11.78 4.52 -9.81
C ALA C 89 -10.32 4.68 -10.17
N ALA C 90 -9.63 5.52 -9.43
CA ALA C 90 -8.23 5.75 -9.71
C ALA C 90 -7.38 5.28 -8.56
N GLU C 91 -6.17 4.83 -8.87
N GLU C 91 -6.18 4.79 -8.87
CA GLU C 91 -5.23 4.36 -7.87
CA GLU C 91 -5.26 4.34 -7.82
C GLU C 91 -4.32 5.52 -7.56
C GLU C 91 -4.31 5.50 -7.55
N ALA C 92 -4.18 5.85 -6.28
CA ALA C 92 -3.32 6.95 -5.88
C ALA C 92 -1.88 6.59 -6.26
N SER C 93 -1.11 7.58 -6.68
CA SER C 93 0.27 7.34 -7.05
C SER C 93 1.09 7.11 -5.79
N SER C 94 0.63 7.71 -4.69
CA SER C 94 1.31 7.60 -3.40
C SER C 94 0.57 6.64 -2.47
N GLY C 95 0.86 6.76 -1.17
CA GLY C 95 0.22 5.90 -0.19
C GLY C 95 0.31 4.44 -0.57
N SER C 96 -0.75 3.70 -0.31
CA SER C 96 -0.80 2.28 -0.64
C SER C 96 -1.49 2.10 -1.99
N TRP C 97 -1.47 3.15 -2.80
CA TRP C 97 -2.10 3.13 -4.12
C TRP C 97 -3.56 2.71 -3.97
N GLN C 98 -4.24 3.31 -3.00
CA GLN C 98 -5.64 3.02 -2.72
C GLN C 98 -6.55 3.44 -3.85
N LEU C 99 -7.67 2.72 -4.01
CA LEU C 99 -8.66 3.02 -5.03
C LEU C 99 -9.63 4.10 -4.56
N ILE C 100 -9.78 5.15 -5.37
CA ILE C 100 -10.68 6.25 -5.05
C ILE C 100 -11.76 6.22 -6.14
N PHE C 101 -13.02 6.11 -5.72
CA PHE C 101 -14.13 6.03 -6.66
C PHE C 101 -14.80 7.35 -7.00
N GLY C 102 -15.21 7.46 -8.26
CA GLY C 102 -15.93 8.64 -8.71
C GLY C 102 -17.37 8.42 -8.27
N SER C 103 -18.21 9.45 -8.39
CA SER C 103 -19.61 9.34 -7.98
C SER C 103 -20.48 8.47 -8.88
N GLY C 104 -20.00 8.15 -10.07
CA GLY C 104 -20.78 7.33 -10.97
C GLY C 104 -21.55 8.13 -12.01
N THR C 105 -21.84 7.48 -13.13
CA THR C 105 -22.60 8.09 -14.23
C THR C 105 -23.72 7.15 -14.64
N GLN C 106 -24.96 7.62 -14.53
CA GLN C 106 -26.08 6.77 -14.91
C GLN C 106 -26.38 6.93 -16.39
N LEU C 107 -26.23 5.85 -17.15
CA LEU C 107 -26.48 5.88 -18.58
C LEU C 107 -27.78 5.18 -18.94
N THR C 108 -28.65 5.89 -19.63
CA THR C 108 -29.92 5.36 -20.07
C THR C 108 -29.96 5.43 -21.57
N VAL C 109 -30.04 4.29 -22.23
CA VAL C 109 -30.10 4.25 -23.68
C VAL C 109 -31.54 4.00 -24.10
N MET C 110 -32.08 4.89 -24.91
CA MET C 110 -33.45 4.78 -25.36
C MET C 110 -33.59 4.19 -26.76
N PRO C 111 -34.66 3.42 -27.00
CA PRO C 111 -34.91 2.80 -28.29
C PRO C 111 -35.16 3.84 -29.38
N VAL C 112 -34.82 3.49 -30.62
CA VAL C 112 -35.00 4.38 -31.76
C VAL C 112 -36.46 4.77 -31.92
N THR C 113 -36.72 6.07 -31.91
CA THR C 113 -38.06 6.64 -32.03
C THR C 113 -39.13 5.91 -31.22
N GLY D 1 -22.48 16.69 3.97
CA GLY D 1 -21.55 15.71 4.61
C GLY D 1 -21.39 14.44 3.80
N ASP D 2 -21.87 13.33 4.35
CA ASP D 2 -21.78 12.04 3.68
C ASP D 2 -20.34 11.55 3.54
N GLN D 3 -19.91 10.72 4.49
CA GLN D 3 -18.56 10.17 4.48
C GLN D 3 -18.60 8.75 5.02
N VAL D 4 -17.86 7.86 4.37
CA VAL D 4 -17.79 6.46 4.75
C VAL D 4 -16.38 6.15 5.21
N GLU D 5 -16.25 5.62 6.42
CA GLU D 5 -14.93 5.28 6.95
C GLU D 5 -14.90 3.80 7.28
N GLN D 6 -14.07 3.06 6.55
CA GLN D 6 -13.93 1.62 6.76
C GLN D 6 -12.82 1.29 7.74
N SER D 7 -13.04 0.24 8.51
CA SER D 7 -12.06 -0.22 9.48
C SER D 7 -12.19 -1.73 9.63
N PRO D 8 -11.06 -2.44 9.77
CA PRO D 8 -9.74 -1.80 9.79
C PRO D 8 -9.31 -1.56 8.34
N SER D 9 -8.18 -0.89 8.17
N SER D 9 -8.18 -0.89 8.15
CA SER D 9 -7.63 -0.60 6.85
CA SER D 9 -7.67 -0.61 6.82
C SER D 9 -7.02 -1.87 6.26
C SER D 9 -7.02 -1.88 6.26
N ALA D 10 -6.38 -2.64 7.13
CA ALA D 10 -5.75 -3.88 6.71
C ALA D 10 -5.72 -4.87 7.86
N LEU D 11 -5.83 -6.16 7.54
CA LEU D 11 -5.77 -7.18 8.57
C LEU D 11 -5.30 -8.50 7.98
N SER D 12 -4.54 -9.23 8.78
CA SER D 12 -4.04 -10.53 8.38
C SER D 12 -4.48 -11.47 9.48
N LEU D 13 -5.03 -12.61 9.10
CA LEU D 13 -5.47 -13.59 10.08
C LEU D 13 -5.21 -15.01 9.60
N HIS D 14 -5.11 -15.93 10.54
CA HIS D 14 -4.87 -17.32 10.18
C HIS D 14 -6.17 -17.94 9.68
N GLU D 15 -6.06 -18.91 8.77
CA GLU D 15 -7.26 -19.57 8.26
C GLU D 15 -7.99 -20.24 9.42
N GLY D 16 -9.32 -20.21 9.38
CA GLY D 16 -10.10 -20.81 10.43
C GLY D 16 -10.58 -19.83 11.47
N THR D 17 -9.97 -18.64 11.51
N THR D 17 -9.98 -18.64 11.46
CA THR D 17 -10.38 -17.65 12.50
CA THR D 17 -10.34 -17.59 12.41
C THR D 17 -11.53 -16.79 11.98
C THR D 17 -11.54 -16.77 11.95
N ASP D 18 -12.23 -16.13 12.89
CA ASP D 18 -13.36 -15.28 12.55
C ASP D 18 -12.98 -13.84 12.74
N SER D 19 -13.50 -12.97 11.89
CA SER D 19 -13.21 -11.55 12.01
C SER D 19 -14.39 -10.72 11.54
N ALA D 20 -14.33 -9.43 11.82
CA ALA D 20 -15.42 -8.54 11.42
C ALA D 20 -14.88 -7.23 10.88
N LEU D 21 -15.50 -6.78 9.80
CA LEU D 21 -15.13 -5.52 9.18
C LEU D 21 -16.26 -4.57 9.51
N ARG D 22 -15.95 -3.28 9.59
CA ARG D 22 -16.94 -2.27 9.91
C ARG D 22 -16.91 -1.12 8.92
N CYS D 23 -18.09 -0.59 8.62
CA CYS D 23 -18.27 0.53 7.72
C CYS D 23 -19.01 1.53 8.60
N ASN D 24 -18.36 2.65 8.91
CA ASN D 24 -18.98 3.67 9.75
C ASN D 24 -19.38 4.89 8.92
N PHE D 25 -20.57 5.42 9.22
CA PHE D 25 -21.10 6.55 8.48
C PHE D 25 -21.23 7.77 9.38
N THR D 26 -20.98 8.94 8.82
CA THR D 26 -21.08 10.17 9.59
C THR D 26 -22.54 10.62 9.71
N THR D 27 -23.39 10.07 8.85
CA THR D 27 -24.81 10.39 8.86
C THR D 27 -25.64 9.17 8.54
N THR D 28 -26.95 9.26 8.76
N THR D 28 -26.95 9.25 8.77
CA THR D 28 -27.86 8.15 8.49
CA THR D 28 -27.85 8.14 8.49
C THR D 28 -27.79 7.73 7.03
C THR D 28 -27.79 7.73 7.03
N MET D 29 -27.73 6.43 6.80
CA MET D 29 -27.68 5.91 5.45
C MET D 29 -28.90 5.03 5.21
N ARG D 30 -29.42 5.07 3.98
CA ARG D 30 -30.58 4.26 3.62
C ARG D 30 -30.19 2.81 3.42
N SER D 31 -29.03 2.60 2.80
CA SER D 31 -28.59 1.24 2.53
C SER D 31 -27.08 1.12 2.41
N VAL D 32 -26.61 -0.12 2.45
N VAL D 32 -26.61 -0.13 2.47
CA VAL D 32 -25.19 -0.39 2.33
CA VAL D 32 -25.19 -0.45 2.39
C VAL D 32 -25.00 -1.57 1.41
C VAL D 32 -24.99 -1.63 1.45
N GLN D 33 -23.84 -1.65 0.78
CA GLN D 33 -23.55 -2.75 -0.11
C GLN D 33 -22.07 -3.08 0.11
N TRP D 34 -21.79 -4.36 0.28
CA TRP D 34 -20.43 -4.85 0.51
C TRP D 34 -19.93 -5.57 -0.72
N PHE D 35 -18.68 -5.31 -1.10
CA PHE D 35 -18.09 -5.94 -2.28
C PHE D 35 -16.72 -6.53 -1.94
N ARG D 36 -16.24 -7.42 -2.81
CA ARG D 36 -14.91 -8.00 -2.67
C ARG D 36 -14.19 -7.90 -4.02
N GLN D 37 -12.95 -7.40 -4.01
CA GLN D 37 -12.17 -7.31 -5.24
C GLN D 37 -10.88 -8.12 -5.09
N ASN D 38 -10.55 -8.86 -6.14
CA ASN D 38 -9.32 -9.66 -6.18
C ASN D 38 -8.53 -9.25 -7.42
N SER D 39 -7.23 -9.04 -7.24
CA SER D 39 -6.31 -8.65 -8.32
C SER D 39 -6.89 -7.78 -9.43
N ARG D 40 -7.23 -6.54 -9.07
CA ARG D 40 -7.79 -5.58 -10.02
C ARG D 40 -8.91 -6.12 -10.88
N GLY D 41 -9.74 -6.97 -10.30
CA GLY D 41 -10.86 -7.51 -11.03
C GLY D 41 -12.10 -6.70 -10.68
N SER D 42 -13.27 -7.28 -10.91
CA SER D 42 -14.52 -6.60 -10.60
C SER D 42 -14.71 -6.49 -9.08
N LEU D 43 -15.63 -5.63 -8.65
CA LEU D 43 -15.94 -5.54 -7.24
C LEU D 43 -17.17 -6.43 -7.17
N ILE D 44 -16.98 -7.67 -6.72
CA ILE D 44 -18.06 -8.63 -6.65
C ILE D 44 -18.97 -8.29 -5.49
N SER D 45 -20.26 -8.19 -5.76
CA SER D 45 -21.20 -7.84 -4.68
C SER D 45 -21.41 -9.01 -3.73
N LEU D 46 -21.30 -8.73 -2.43
CA LEU D 46 -21.49 -9.78 -1.43
C LEU D 46 -22.89 -9.64 -0.85
N PHE D 47 -23.26 -8.41 -0.51
CA PHE D 47 -24.58 -8.14 0.06
C PHE D 47 -25.04 -6.71 -0.19
N TYR D 48 -26.35 -6.56 -0.37
CA TYR D 48 -26.99 -5.26 -0.48
C TYR D 48 -28.06 -5.34 0.62
N LEU D 49 -28.13 -4.37 1.51
N LEU D 49 -28.09 -4.36 1.52
CA LEU D 49 -29.18 -4.40 2.53
CA LEU D 49 -29.06 -4.34 2.62
C LEU D 49 -29.50 -2.99 3.02
C LEU D 49 -29.50 -2.93 2.99
N ALA D 50 -30.78 -2.78 3.30
CA ALA D 50 -31.31 -1.51 3.72
C ALA D 50 -31.71 -1.63 5.20
N SER D 51 -31.71 -2.85 5.71
CA SER D 51 -32.04 -3.12 7.11
C SER D 51 -31.77 -4.58 7.44
N GLY D 52 -31.89 -4.91 8.73
CA GLY D 52 -31.71 -6.28 9.17
C GLY D 52 -30.33 -6.88 8.89
N THR D 53 -30.32 -8.16 8.58
CA THR D 53 -29.07 -8.86 8.30
C THR D 53 -29.27 -9.80 7.13
N LYS D 54 -28.17 -10.20 6.52
CA LYS D 54 -28.19 -11.13 5.41
C LYS D 54 -26.99 -12.03 5.59
N GLU D 55 -27.18 -13.31 5.30
CA GLU D 55 -26.12 -14.29 5.48
C GLU D 55 -25.99 -15.21 4.29
N ASN D 56 -24.77 -15.55 3.94
CA ASN D 56 -24.51 -16.43 2.82
C ASN D 56 -23.19 -17.14 3.02
N GLY D 57 -23.24 -18.45 3.22
CA GLY D 57 -22.03 -19.21 3.44
C GLY D 57 -21.39 -18.77 4.74
N ARG D 58 -20.10 -18.47 4.71
CA ARG D 58 -19.40 -18.05 5.92
C ARG D 58 -19.45 -16.54 6.14
N LEU D 59 -20.19 -15.84 5.28
CA LEU D 59 -20.29 -14.38 5.40
C LEU D 59 -21.66 -13.93 5.87
N LYS D 60 -21.66 -12.89 6.69
CA LYS D 60 -22.90 -12.31 7.20
C LYS D 60 -22.73 -10.81 7.36
N SER D 61 -23.72 -10.05 6.88
N SER D 61 -23.73 -10.06 6.89
CA SER D 61 -23.64 -8.59 7.02
CA SER D 61 -23.70 -8.60 6.96
C SER D 61 -24.81 -8.13 7.87
C SER D 61 -24.85 -8.10 7.83
N ALA D 62 -24.63 -7.02 8.55
CA ALA D 62 -25.66 -6.46 9.40
C ALA D 62 -25.76 -4.97 9.24
N PHE D 63 -27.00 -4.50 9.20
CA PHE D 63 -27.30 -3.09 9.09
C PHE D 63 -28.65 -3.00 9.79
N ASP D 64 -28.67 -3.45 11.04
CA ASP D 64 -29.92 -3.50 11.81
C ASP D 64 -30.04 -2.48 12.95
N SER D 65 -29.05 -1.61 13.12
CA SER D 65 -29.11 -0.59 14.17
C SER D 65 -30.12 0.48 13.76
N LYS D 66 -30.93 0.95 14.70
CA LYS D 66 -31.93 1.96 14.39
C LYS D 66 -31.31 3.29 13.96
N GLU D 67 -30.11 3.59 14.44
CA GLU D 67 -29.44 4.84 14.08
C GLU D 67 -28.87 4.80 12.65
N ARG D 68 -28.61 3.59 12.15
CA ARG D 68 -28.10 3.42 10.80
C ARG D 68 -26.81 4.22 10.55
N ARG D 69 -25.88 4.13 11.50
N ARG D 69 -25.87 4.14 11.50
CA ARG D 69 -24.61 4.85 11.39
CA ARG D 69 -24.61 4.86 11.38
C ARG D 69 -23.43 3.92 11.12
C ARG D 69 -23.44 3.94 11.09
N TYR D 70 -23.72 2.63 10.96
CA TYR D 70 -22.67 1.67 10.67
C TYR D 70 -23.24 0.35 10.19
N SER D 71 -22.38 -0.44 9.55
CA SER D 71 -22.74 -1.75 9.06
C SER D 71 -21.52 -2.62 9.31
N THR D 72 -21.75 -3.91 9.49
CA THR D 72 -20.65 -4.83 9.72
C THR D 72 -20.71 -6.00 8.76
N LEU D 73 -19.52 -6.54 8.48
CA LEU D 73 -19.39 -7.69 7.62
C LEU D 73 -18.59 -8.68 8.45
N HIS D 74 -19.21 -9.83 8.75
N HIS D 74 -19.19 -9.83 8.75
CA HIS D 74 -18.57 -10.87 9.54
CA HIS D 74 -18.51 -10.84 9.54
C HIS D 74 -18.10 -12.04 8.67
C HIS D 74 -18.10 -12.02 8.68
N ILE D 75 -16.84 -12.45 8.86
CA ILE D 75 -16.29 -13.57 8.11
C ILE D 75 -15.93 -14.63 9.15
N ARG D 76 -16.54 -15.81 9.05
CA ARG D 76 -16.23 -16.85 10.01
C ARG D 76 -15.44 -17.96 9.34
N ASP D 77 -14.55 -18.60 10.10
CA ASP D 77 -13.75 -19.70 9.58
C ASP D 77 -13.09 -19.30 8.26
N ALA D 78 -12.32 -18.20 8.31
CA ALA D 78 -11.65 -17.66 7.13
C ALA D 78 -10.88 -18.69 6.31
N GLN D 79 -11.04 -18.62 4.99
CA GLN D 79 -10.35 -19.55 4.09
C GLN D 79 -9.35 -18.76 3.25
N LEU D 80 -8.32 -19.45 2.77
CA LEU D 80 -7.29 -18.78 1.97
C LEU D 80 -7.90 -17.97 0.82
N GLU D 81 -8.96 -18.50 0.21
CA GLU D 81 -9.58 -17.80 -0.91
C GLU D 81 -10.37 -16.56 -0.51
N ASP D 82 -10.45 -16.26 0.79
CA ASP D 82 -11.16 -15.07 1.24
C ASP D 82 -10.29 -13.83 1.10
N SER D 83 -8.99 -14.03 0.94
CA SER D 83 -8.08 -12.90 0.80
C SER D 83 -8.57 -11.99 -0.35
N GLY D 84 -8.40 -10.69 -0.16
CA GLY D 84 -8.83 -9.72 -1.14
C GLY D 84 -9.12 -8.39 -0.49
N THR D 85 -9.60 -7.42 -1.26
CA THR D 85 -9.91 -6.12 -0.70
C THR D 85 -11.43 -5.98 -0.61
N TYR D 86 -11.90 -5.74 0.62
CA TYR D 86 -13.34 -5.61 0.83
C TYR D 86 -13.74 -4.16 0.86
N PHE D 87 -14.79 -3.84 0.11
CA PHE D 87 -15.28 -2.48 0.04
C PHE D 87 -16.72 -2.38 0.47
N CYS D 88 -17.06 -1.28 1.11
N CYS D 88 -17.05 -1.25 1.08
CA CYS D 88 -18.46 -1.05 1.47
CA CYS D 88 -18.40 -0.98 1.52
C CYS D 88 -18.81 0.25 0.78
C CYS D 88 -18.82 0.31 0.83
N ALA D 89 -20.08 0.38 0.39
CA ALA D 89 -20.57 1.57 -0.28
C ALA D 89 -21.89 1.88 0.39
N ALA D 90 -22.15 3.15 0.61
CA ALA D 90 -23.37 3.56 1.29
C ALA D 90 -24.13 4.61 0.51
N GLU D 91 -25.45 4.62 0.70
CA GLU D 91 -26.32 5.57 0.05
C GLU D 91 -26.94 6.40 1.18
N ALA D 92 -26.83 7.71 1.10
CA ALA D 92 -27.36 8.60 2.12
C ALA D 92 -28.87 8.76 2.09
N SER D 93 -29.46 9.04 3.24
CA SER D 93 -30.89 9.26 3.36
C SER D 93 -31.23 10.64 2.82
N SER D 94 -30.74 11.66 3.52
CA SER D 94 -30.99 13.05 3.15
C SER D 94 -29.66 13.73 2.82
N GLY D 95 -29.19 13.57 1.59
CA GLY D 95 -27.93 14.18 1.21
C GLY D 95 -27.67 14.33 -0.28
N ALA D 96 -27.59 13.21 -0.98
CA ALA D 96 -27.33 13.23 -2.43
C ALA D 96 -27.82 11.97 -3.12
N TRP D 97 -27.80 10.85 -2.39
CA TRP D 97 -28.23 9.56 -2.92
C TRP D 97 -27.21 8.91 -3.85
N GLN D 98 -26.02 9.50 -3.94
CA GLN D 98 -24.98 8.92 -4.78
C GLN D 98 -24.33 7.82 -3.95
N LEU D 99 -23.80 6.81 -4.61
CA LEU D 99 -23.15 5.72 -3.90
C LEU D 99 -21.76 6.18 -3.43
N ILE D 100 -21.52 6.11 -2.11
CA ILE D 100 -20.25 6.55 -1.53
C ILE D 100 -19.43 5.32 -1.08
N PHE D 101 -18.22 5.16 -1.63
CA PHE D 101 -17.35 4.03 -1.30
C PHE D 101 -16.33 4.26 -0.19
N GLY D 102 -16.12 3.24 0.63
CA GLY D 102 -15.12 3.32 1.68
C GLY D 102 -13.77 3.09 1.00
N SER D 103 -12.68 3.30 1.72
CA SER D 103 -11.34 3.11 1.17
C SER D 103 -10.94 1.66 0.99
N GLY D 104 -11.74 0.75 1.53
CA GLY D 104 -11.45 -0.66 1.38
C GLY D 104 -10.62 -1.26 2.50
N THR D 105 -10.73 -2.57 2.66
CA THR D 105 -9.99 -3.29 3.69
C THR D 105 -9.25 -4.42 3.03
N GLN D 106 -7.92 -4.41 3.14
CA GLN D 106 -7.12 -5.47 2.56
C GLN D 106 -7.00 -6.63 3.54
N LEU D 107 -7.67 -7.72 3.23
CA LEU D 107 -7.65 -8.91 4.07
C LEU D 107 -6.69 -9.95 3.52
N THR D 108 -5.80 -10.43 4.37
CA THR D 108 -4.84 -11.46 4.00
C THR D 108 -5.03 -12.64 4.93
N VAL D 109 -5.37 -13.80 4.38
CA VAL D 109 -5.55 -15.00 5.18
C VAL D 109 -4.31 -15.86 5.01
N MET D 110 -3.69 -16.25 6.13
CA MET D 110 -2.49 -17.06 6.10
C MET D 110 -2.76 -18.50 6.51
N PRO D 111 -2.02 -19.44 5.92
CA PRO D 111 -2.21 -20.85 6.24
C PRO D 111 -1.76 -21.18 7.66
N VAL D 112 -2.20 -22.21 8.22
#